data_4M95
#
_entry.id   4M95
#
_cell.length_a   54.329
_cell.length_b   146.107
_cell.length_c   46.972
_cell.angle_alpha   90.00
_cell.angle_beta   90.00
_cell.angle_gamma   90.00
#
_symmetry.space_group_name_H-M   'P 21 21 2'
#
loop_
_entity.id
_entity.type
_entity.pdbx_description
1 polymer 'Gag-Pol polyprotein'
2 polymer "5' d(ATCCGTTA) 3'"
3 polymer "5' d(TAACGGAT) 3'"
4 non-polymer 1,2-ETHANEDIOL
5 water water
#
loop_
_entity_poly.entity_id
_entity_poly.type
_entity_poly.pdbx_seq_one_letter_code
_entity_poly.pdbx_strand_id
1 'polypeptide(L)'
;GSHMTWLSDFPQAWAETGGMGLAVRQAPLIIPLKATSTPVSIKQYPMSQEARLGIKPHIQRLLDQGILVPCQSPWNTPLL
PVKKPGTNDYRPVQDLREVNKRVEDIHPTVPNPYNLLSGLPPSHQWYTVLDLKDAFFCLRLHPTSQPLFAFEWRDPEMGI
SGQLTWTRLPQGFKNSPTLFDEALHRDLADFRIQHPDLILLQYVDDLLLAATSELDCQQGTRALLQTLGNLGYRASAKKA
QICQKQVKYLGYLLKEGQR
;
A
2 'polydeoxyribonucleotide' (DA)(DT)(DC)(DC)(DG)(DT)(DT)(DA) B
3 'polydeoxyribonucleotide' (DT)(DA)(DA)(DC)(DG)(DG)(DA)(DT) G
#
# COMPACT_ATOMS: atom_id res chain seq x y z
N THR A 5 7.85 10.52 23.44
CA THR A 5 6.58 10.23 22.81
C THR A 5 6.65 8.95 21.96
N TRP A 6 5.54 8.61 21.33
CA TRP A 6 5.48 7.45 20.47
C TRP A 6 6.40 7.59 19.26
N LEU A 7 6.44 8.80 18.71
CA LEU A 7 7.23 9.06 17.51
C LEU A 7 8.71 8.75 17.77
N SER A 8 9.16 9.04 18.98
CA SER A 8 10.57 8.88 19.32
C SER A 8 10.93 7.46 19.76
N ASP A 9 10.00 6.79 20.45
CA ASP A 9 10.24 5.44 20.93
C ASP A 9 10.28 4.40 19.82
N PHE A 10 9.64 4.71 18.69
CA PHE A 10 9.56 3.76 17.59
C PHE A 10 9.85 4.42 16.25
N PRO A 11 11.10 4.85 16.04
CA PRO A 11 11.51 5.61 14.86
C PRO A 11 11.32 4.80 13.58
N GLN A 12 11.50 3.49 13.68
CA GLN A 12 11.45 2.61 12.53
C GLN A 12 10.02 2.38 12.02
N ALA A 13 9.05 2.50 12.91
CA ALA A 13 7.66 2.18 12.58
C ALA A 13 6.94 3.31 11.83
N TRP A 14 7.46 4.53 11.92
CA TRP A 14 6.78 5.67 11.32
C TRP A 14 7.34 6.07 9.96
N ALA A 15 6.45 6.41 9.04
CA ALA A 15 6.86 6.85 7.70
C ALA A 15 7.71 8.11 7.83
N GLU A 16 7.39 8.91 8.84
CA GLU A 16 8.03 10.21 9.02
C GLU A 16 9.52 10.10 9.35
N THR A 17 9.91 9.00 9.99
CA THR A 17 11.25 8.87 10.55
C THR A 17 11.97 7.57 10.16
N GLY A 18 11.25 6.65 9.53
CA GLY A 18 11.80 5.34 9.27
C GLY A 18 12.19 5.06 7.83
N GLY A 19 11.91 6.01 6.94
CA GLY A 19 12.21 5.85 5.53
C GLY A 19 11.16 5.02 4.81
N MET A 20 11.31 4.89 3.49
CA MET A 20 10.38 4.10 2.69
C MET A 20 10.41 2.64 3.14
N GLY A 21 9.25 1.99 3.11
CA GLY A 21 9.14 0.63 3.59
C GLY A 21 9.56 -0.42 2.58
N LEU A 22 9.68 -1.65 3.04
CA LEU A 22 9.95 -2.81 2.20
C LEU A 22 9.67 -4.02 3.06
N ALA A 23 8.68 -4.82 2.66
CA ALA A 23 8.31 -6.03 3.41
C ALA A 23 9.33 -7.14 3.18
N VAL A 24 10.31 -7.19 4.07
CA VAL A 24 11.48 -8.05 3.84
C VAL A 24 11.19 -9.55 3.95
N ARG A 25 10.08 -9.90 4.58
CA ARG A 25 9.77 -11.32 4.77
C ARG A 25 8.93 -11.86 3.62
N GLN A 26 8.41 -10.96 2.79
CA GLN A 26 7.52 -11.37 1.71
C GLN A 26 8.28 -11.59 0.40
N ALA A 27 8.15 -12.79 -0.15
CA ALA A 27 8.78 -13.07 -1.44
C ALA A 27 8.24 -12.13 -2.53
N PRO A 28 9.11 -11.72 -3.47
CA PRO A 28 8.66 -10.91 -4.62
C PRO A 28 7.48 -11.58 -5.33
N LEU A 29 6.44 -10.80 -5.61
CA LEU A 29 5.18 -11.35 -6.08
C LEU A 29 5.22 -11.69 -7.55
N ILE A 30 4.70 -12.87 -7.90
CA ILE A 30 4.58 -13.27 -9.29
C ILE A 30 3.11 -13.18 -9.66
N ILE A 31 2.82 -12.49 -10.77
CA ILE A 31 1.44 -12.23 -11.19
C ILE A 31 1.03 -13.12 -12.38
N PRO A 32 0.26 -14.18 -12.11
CA PRO A 32 -0.09 -15.08 -13.21
C PRO A 32 -1.06 -14.46 -14.21
N LEU A 33 -0.78 -14.67 -15.50
CA LEU A 33 -1.69 -14.20 -16.55
C LEU A 33 -2.75 -15.26 -16.86
N LYS A 34 -3.86 -14.81 -17.43
CA LYS A 34 -4.86 -15.73 -17.95
C LYS A 34 -4.24 -16.58 -19.06
N ALA A 35 -4.84 -17.73 -19.30
CA ALA A 35 -4.24 -18.72 -20.19
C ALA A 35 -4.01 -18.28 -21.63
N THR A 36 -4.85 -17.37 -22.12
CA THR A 36 -4.74 -16.90 -23.51
C THR A 36 -4.15 -15.51 -23.67
N SER A 37 -3.67 -14.92 -22.58
CA SER A 37 -3.16 -13.55 -22.64
C SER A 37 -1.85 -13.37 -23.42
N THR A 38 -1.78 -12.28 -24.18
CA THR A 38 -0.50 -11.85 -24.75
C THR A 38 -0.37 -10.36 -24.51
N PRO A 39 0.87 -9.83 -24.56
CA PRO A 39 1.07 -8.43 -24.20
C PRO A 39 0.24 -7.47 -25.06
N VAL A 40 -0.18 -6.37 -24.44
CA VAL A 40 -0.86 -5.30 -25.15
C VAL A 40 -0.02 -4.05 -24.96
N SER A 41 0.16 -3.30 -26.04
CA SER A 41 0.96 -2.08 -25.99
C SER A 41 0.10 -0.93 -26.46
N ILE A 42 -0.31 -0.08 -25.52
CA ILE A 42 -1.18 1.04 -25.81
C ILE A 42 -0.32 2.30 -25.85
N LYS A 43 -0.42 3.06 -26.93
CA LYS A 43 0.41 4.24 -27.11
C LYS A 43 0.09 5.28 -26.04
N GLN A 44 1.12 5.97 -25.55
CA GLN A 44 0.91 7.04 -24.58
C GLN A 44 0.19 8.22 -25.23
N TYR A 45 -0.92 8.66 -24.64
CA TYR A 45 -1.63 9.84 -25.14
C TYR A 45 -0.73 11.06 -24.94
N PRO A 46 -0.64 11.93 -25.96
CA PRO A 46 0.20 13.12 -25.80
C PRO A 46 -0.16 13.87 -24.53
N MET A 47 0.84 14.33 -23.79
CA MET A 47 0.62 15.00 -22.52
C MET A 47 1.06 16.46 -22.65
N SER A 48 0.28 17.38 -22.07
CA SER A 48 0.62 18.80 -22.08
C SER A 48 1.88 19.05 -21.27
N GLN A 49 2.59 20.13 -21.58
CA GLN A 49 3.75 20.46 -20.79
C GLN A 49 3.32 20.69 -19.34
N GLU A 50 2.16 21.31 -19.15
CA GLU A 50 1.70 21.60 -17.80
C GLU A 50 1.61 20.31 -16.99
N ALA A 51 1.00 19.30 -17.58
CA ALA A 51 0.82 18.01 -16.91
C ALA A 51 2.17 17.34 -16.69
N ARG A 52 3.00 17.34 -17.73
CA ARG A 52 4.31 16.72 -17.64
CA ARG A 52 4.32 16.72 -17.65
C ARG A 52 5.18 17.33 -16.54
N LEU A 53 5.20 18.67 -16.47
CA LEU A 53 5.96 19.34 -15.43
C LEU A 53 5.43 18.99 -14.05
N GLY A 54 4.10 18.88 -13.93
CA GLY A 54 3.48 18.47 -12.69
C GLY A 54 3.88 17.07 -12.26
N ILE A 55 3.89 16.15 -13.21
CA ILE A 55 4.14 14.74 -12.90
C ILE A 55 5.62 14.42 -12.66
N LYS A 56 6.49 15.17 -13.32
CA LYS A 56 7.92 14.90 -13.34
C LYS A 56 8.59 14.64 -11.98
N PRO A 57 8.38 15.52 -10.98
CA PRO A 57 9.06 15.33 -9.69
C PRO A 57 8.60 14.06 -9.00
N HIS A 58 7.38 13.62 -9.27
CA HIS A 58 6.90 12.37 -8.70
C HIS A 58 7.64 11.18 -9.34
N ILE A 59 7.77 11.21 -10.66
CA ILE A 59 8.53 10.20 -11.37
C ILE A 59 9.99 10.15 -10.91
N GLN A 60 10.59 11.32 -10.75
CA GLN A 60 11.99 11.37 -10.35
C GLN A 60 12.17 10.79 -8.96
N ARG A 61 11.24 11.10 -8.06
CA ARG A 61 11.31 10.62 -6.69
C ARG A 61 11.24 9.08 -6.69
N LEU A 62 10.31 8.54 -7.45
CA LEU A 62 10.17 7.09 -7.56
C LEU A 62 11.40 6.41 -8.18
N LEU A 63 12.01 7.05 -9.17
CA LEU A 63 13.25 6.55 -9.75
C LEU A 63 14.37 6.55 -8.72
N ASP A 64 14.50 7.68 -8.01
CA ASP A 64 15.52 7.78 -6.96
C ASP A 64 15.33 6.69 -5.89
N GLN A 65 14.09 6.35 -5.60
CA GLN A 65 13.77 5.35 -4.58
C GLN A 65 13.87 3.91 -5.11
N GLY A 66 14.08 3.76 -6.40
CA GLY A 66 14.17 2.43 -7.01
C GLY A 66 12.82 1.75 -7.21
N ILE A 67 11.75 2.51 -7.01
CA ILE A 67 10.39 1.98 -7.14
C ILE A 67 10.01 1.94 -8.63
N LEU A 68 10.54 2.90 -9.40
CA LEU A 68 10.51 2.83 -10.85
C LEU A 68 11.91 2.54 -11.38
N VAL A 69 11.98 1.74 -12.44
CA VAL A 69 13.24 1.45 -13.12
C VAL A 69 13.04 1.49 -14.63
N PRO A 70 14.09 1.85 -15.37
CA PRO A 70 13.99 1.76 -16.82
C PRO A 70 13.72 0.34 -17.26
N CYS A 71 13.00 0.17 -18.35
CA CYS A 71 12.81 -1.15 -18.94
C CYS A 71 12.49 -1.07 -20.43
N GLN A 72 12.51 -2.23 -21.08
CA GLN A 72 11.97 -2.38 -22.43
C GLN A 72 10.98 -3.53 -22.37
N SER A 73 9.73 -3.25 -22.68
CA SER A 73 8.66 -4.25 -22.50
C SER A 73 7.65 -4.23 -23.63
N PRO A 74 7.13 -5.41 -23.99
CA PRO A 74 6.07 -5.57 -24.99
C PRO A 74 4.73 -5.07 -24.46
N TRP A 75 4.67 -4.81 -23.15
CA TRP A 75 3.49 -4.25 -22.53
C TRP A 75 3.69 -2.76 -22.41
N ASN A 76 2.60 -2.02 -22.56
CA ASN A 76 2.60 -0.59 -22.28
C ASN A 76 1.18 -0.09 -22.02
N THR A 77 1.01 0.69 -20.96
CA THR A 77 -0.27 1.32 -20.70
C THR A 77 -0.05 2.83 -20.48
N PRO A 78 -1.10 3.62 -20.71
CA PRO A 78 -0.97 5.08 -20.68
C PRO A 78 -0.92 5.63 -19.26
N LEU A 79 -0.11 6.68 -19.10
CA LEU A 79 -0.12 7.47 -17.88
C LEU A 79 -1.13 8.60 -18.07
N LEU A 80 -2.03 8.78 -17.09
CA LEU A 80 -2.99 9.87 -17.10
C LEU A 80 -2.59 10.93 -16.09
N PRO A 81 -2.58 12.20 -16.50
CA PRO A 81 -2.36 13.25 -15.50
C PRO A 81 -3.69 13.63 -14.85
N VAL A 82 -3.77 13.54 -13.53
CA VAL A 82 -5.01 13.81 -12.81
C VAL A 82 -4.81 14.85 -11.72
N LYS A 83 -5.64 15.90 -11.76
CA LYS A 83 -5.63 16.90 -10.70
C LYS A 83 -6.52 16.46 -9.53
N THR A 87 -7.84 19.13 -7.07
CA THR A 87 -6.73 20.04 -6.87
C THR A 87 -6.30 20.66 -8.20
N ASN A 88 -5.26 21.49 -8.17
CA ASN A 88 -4.62 21.98 -9.38
C ASN A 88 -3.25 21.35 -9.53
N ASP A 89 -2.98 20.36 -8.69
CA ASP A 89 -1.72 19.64 -8.68
C ASP A 89 -1.85 18.34 -9.48
N TYR A 90 -1.13 18.26 -10.60
CA TYR A 90 -1.17 17.07 -11.46
C TYR A 90 -0.36 15.93 -10.85
N ARG A 91 -0.98 14.75 -10.76
CA ARG A 91 -0.28 13.56 -10.29
C ARG A 91 -0.51 12.40 -11.27
N PRO A 92 0.44 11.46 -11.33
CA PRO A 92 0.36 10.40 -12.34
C PRO A 92 -0.57 9.24 -11.93
N VAL A 93 -1.48 8.88 -12.83
CA VAL A 93 -2.36 7.74 -12.61
C VAL A 93 -2.31 6.83 -13.84
N GLN A 94 -1.80 5.62 -13.66
CA GLN A 94 -1.65 4.71 -14.79
C GLN A 94 -2.96 4.01 -15.10
N ASP A 95 -3.34 3.98 -16.37
CA ASP A 95 -4.54 3.26 -16.77
C ASP A 95 -4.19 1.81 -17.05
N LEU A 96 -4.33 0.99 -16.02
CA LEU A 96 -3.98 -0.44 -16.09
C LEU A 96 -5.14 -1.34 -16.47
N ARG A 97 -6.23 -0.77 -16.96
CA ARG A 97 -7.42 -1.57 -17.22
C ARG A 97 -7.18 -2.74 -18.19
N GLU A 98 -6.40 -2.50 -19.24
CA GLU A 98 -6.13 -3.53 -20.24
C GLU A 98 -5.17 -4.60 -19.73
N VAL A 99 -4.30 -4.23 -18.79
CA VAL A 99 -3.48 -5.22 -18.10
C VAL A 99 -4.35 -6.04 -17.15
N ASN A 100 -5.23 -5.36 -16.40
CA ASN A 100 -6.13 -6.05 -15.47
C ASN A 100 -6.95 -7.14 -16.14
N LYS A 101 -7.45 -6.84 -17.33
CA LYS A 101 -8.27 -7.81 -18.07
C LYS A 101 -7.50 -9.07 -18.43
N ARG A 102 -6.18 -8.98 -18.49
CA ARG A 102 -5.36 -10.11 -18.94
C ARG A 102 -4.72 -10.90 -17.79
N VAL A 103 -4.88 -10.38 -16.57
CA VAL A 103 -4.35 -11.05 -15.39
C VAL A 103 -5.37 -12.02 -14.78
N GLU A 104 -4.91 -13.20 -14.39
CA GLU A 104 -5.80 -14.21 -13.81
C GLU A 104 -6.49 -13.69 -12.54
N ASP A 105 -7.78 -13.95 -12.41
CA ASP A 105 -8.53 -13.50 -11.25
C ASP A 105 -8.13 -14.26 -9.99
N ILE A 106 -8.18 -13.60 -8.84
CA ILE A 106 -8.02 -14.26 -7.55
C ILE A 106 -9.26 -14.06 -6.70
N HIS A 107 -9.49 -14.94 -5.72
CA HIS A 107 -10.67 -14.80 -4.87
C HIS A 107 -10.52 -13.55 -4.02
N PRO A 108 -11.60 -12.75 -3.92
CA PRO A 108 -11.55 -11.53 -3.10
C PRO A 108 -11.66 -11.88 -1.62
N THR A 109 -10.55 -11.80 -0.90
CA THR A 109 -10.53 -12.23 0.50
C THR A 109 -10.63 -11.07 1.50
N VAL A 110 -10.57 -9.84 1.03
CA VAL A 110 -10.72 -8.71 1.95
C VAL A 110 -12.18 -8.58 2.35
N PRO A 111 -12.46 -8.62 3.66
CA PRO A 111 -13.84 -8.51 4.16
C PRO A 111 -14.38 -7.11 3.93
N ASN A 112 -15.69 -6.96 3.74
CA ASN A 112 -16.26 -5.61 3.74
C ASN A 112 -16.22 -5.04 5.16
N PRO A 113 -16.06 -3.72 5.28
CA PRO A 113 -15.92 -3.10 6.60
C PRO A 113 -17.02 -3.51 7.56
N TYR A 114 -18.25 -3.65 7.06
CA TYR A 114 -19.36 -4.01 7.96
C TYR A 114 -19.08 -5.34 8.67
N ASN A 115 -18.72 -6.35 7.89
CA ASN A 115 -18.40 -7.66 8.46
C ASN A 115 -17.13 -7.63 9.32
N LEU A 116 -16.10 -6.94 8.86
CA LEU A 116 -14.89 -6.79 9.64
C LEU A 116 -15.20 -6.24 11.04
N LEU A 117 -16.00 -5.20 11.09
CA LEU A 117 -16.30 -4.54 12.36
C LEU A 117 -17.16 -5.40 13.28
N SER A 118 -17.88 -6.36 12.70
CA SER A 118 -18.68 -7.27 13.50
C SER A 118 -17.80 -8.10 14.42
N GLY A 119 -16.49 -8.11 14.16
CA GLY A 119 -15.55 -8.87 14.95
C GLY A 119 -14.96 -8.10 16.11
N LEU A 120 -15.61 -6.98 16.46
CA LEU A 120 -15.13 -6.13 17.55
C LEU A 120 -16.08 -6.27 18.75
N PRO A 121 -15.59 -6.88 19.85
CA PRO A 121 -16.40 -7.16 21.04
C PRO A 121 -16.51 -5.97 21.98
N PRO A 122 -17.65 -5.84 22.68
CA PRO A 122 -17.88 -4.74 23.62
C PRO A 122 -16.83 -4.70 24.73
N SER A 123 -16.20 -5.85 24.99
CA SER A 123 -15.19 -5.97 26.04
C SER A 123 -13.96 -5.11 25.76
N HIS A 124 -13.65 -4.92 24.48
CA HIS A 124 -12.46 -4.16 24.08
C HIS A 124 -12.84 -2.76 23.61
N GLN A 125 -12.61 -1.76 24.47
CA GLN A 125 -13.03 -0.40 24.16
C GLN A 125 -11.92 0.64 24.17
N TRP A 126 -10.67 0.18 24.29
CA TRP A 126 -9.52 1.06 24.12
C TRP A 126 -8.92 0.80 22.74
N TYR A 127 -8.84 1.85 21.92
CA TYR A 127 -8.49 1.67 20.51
C TYR A 127 -7.19 2.35 20.07
N THR A 128 -6.54 1.73 19.08
CA THR A 128 -5.47 2.38 18.34
C THR A 128 -5.74 2.16 16.86
N VAL A 129 -5.68 3.23 16.08
CA VAL A 129 -5.85 3.12 14.63
C VAL A 129 -4.61 3.60 13.90
N LEU A 130 -4.07 2.76 13.02
CA LEU A 130 -2.91 3.13 12.24
C LEU A 130 -3.26 2.95 10.76
N ASP A 131 -2.72 3.80 9.90
CA ASP A 131 -2.76 3.51 8.48
C ASP A 131 -1.33 3.42 7.96
N LEU A 132 -1.09 2.43 7.12
CA LEU A 132 0.24 2.22 6.55
C LEU A 132 0.41 3.13 5.35
N LYS A 133 1.57 3.78 5.30
CA LYS A 133 1.91 4.71 4.23
C LYS A 133 2.51 3.95 3.06
N ASP A 134 2.01 4.24 1.86
CA ASP A 134 2.56 3.64 0.64
C ASP A 134 2.63 2.14 0.77
N ALA A 135 1.52 1.56 1.20
CA ALA A 135 1.45 0.14 1.55
C ALA A 135 1.86 -0.76 0.38
N PHE A 136 1.24 -0.56 -0.77
CA PHE A 136 1.51 -1.45 -1.90
C PHE A 136 2.99 -1.42 -2.24
N PHE A 137 3.59 -0.23 -2.17
CA PHE A 137 4.99 -0.09 -2.54
C PHE A 137 5.93 -0.87 -1.60
N CYS A 138 5.44 -1.34 -0.46
CA CYS A 138 6.27 -2.15 0.43
C CYS A 138 6.46 -3.57 -0.07
N LEU A 139 5.58 -4.00 -0.98
CA LEU A 139 5.69 -5.35 -1.51
C LEU A 139 6.45 -5.41 -2.84
N ARG A 140 7.54 -6.14 -2.86
CA ARG A 140 8.29 -6.31 -4.10
C ARG A 140 7.51 -7.09 -5.14
N LEU A 141 7.74 -6.71 -6.40
CA LEU A 141 7.23 -7.43 -7.56
C LEU A 141 8.37 -8.23 -8.17
N HIS A 142 8.13 -9.50 -8.47
CA HIS A 142 9.16 -10.35 -9.06
C HIS A 142 9.57 -9.76 -10.42
N PRO A 143 10.87 -9.81 -10.75
CA PRO A 143 11.34 -9.28 -12.03
C PRO A 143 10.58 -9.85 -13.23
N THR A 144 10.07 -11.07 -13.17
CA THR A 144 9.36 -11.68 -14.28
CA THR A 144 9.38 -11.64 -14.31
C THR A 144 8.02 -11.01 -14.51
N SER A 145 7.49 -10.39 -13.46
CA SER A 145 6.18 -9.74 -13.54
C SER A 145 6.28 -8.23 -13.73
N GLN A 146 7.46 -7.66 -13.49
CA GLN A 146 7.66 -6.23 -13.67
C GLN A 146 7.29 -5.70 -15.07
N PRO A 147 7.64 -6.44 -16.14
CA PRO A 147 7.36 -5.90 -17.48
C PRO A 147 5.87 -5.64 -17.74
N LEU A 148 4.99 -6.32 -17.01
CA LEU A 148 3.54 -6.21 -17.20
C LEU A 148 3.08 -4.76 -17.09
N PHE A 149 3.75 -3.99 -16.23
CA PHE A 149 3.20 -2.71 -15.81
C PHE A 149 3.93 -1.51 -16.39
N ALA A 150 4.59 -1.72 -17.52
CA ALA A 150 5.41 -0.67 -18.13
C ALA A 150 4.56 0.47 -18.69
N PHE A 151 5.14 1.67 -18.66
CA PHE A 151 4.57 2.85 -19.33
C PHE A 151 5.70 3.67 -19.95
N GLU A 152 5.33 4.61 -20.81
CA GLU A 152 6.30 5.47 -21.47
C GLU A 152 6.56 6.74 -20.66
N TRP A 153 7.83 7.11 -20.53
CA TRP A 153 8.13 8.41 -19.95
C TRP A 153 9.03 9.20 -20.88
N ARG A 154 8.50 10.30 -21.40
CA ARG A 154 9.23 11.15 -22.33
C ARG A 154 9.45 12.52 -21.71
N ASP A 155 10.65 13.06 -21.89
CA ASP A 155 10.97 14.41 -21.45
C ASP A 155 11.57 15.19 -22.63
N PRO A 156 10.70 15.76 -23.46
CA PRO A 156 11.05 16.43 -24.72
C PRO A 156 12.29 17.32 -24.62
N GLU A 157 12.37 18.13 -23.58
CA GLU A 157 13.47 19.08 -23.44
C GLU A 157 14.68 18.48 -22.72
N MET A 158 14.77 17.14 -22.74
CA MET A 158 15.92 16.45 -22.18
C MET A 158 16.24 15.18 -22.96
N GLY A 159 15.73 15.09 -24.19
CA GLY A 159 15.97 13.96 -25.05
C GLY A 159 15.62 12.63 -24.42
N ILE A 160 14.75 12.67 -23.43
CA ILE A 160 14.33 11.47 -22.72
C ILE A 160 13.15 10.80 -23.43
N SER A 161 13.32 9.53 -23.77
CA SER A 161 12.23 8.73 -24.33
C SER A 161 12.49 7.24 -24.17
N GLY A 162 11.65 6.59 -23.37
CA GLY A 162 11.78 5.17 -23.13
C GLY A 162 10.72 4.76 -22.13
N GLN A 163 10.72 3.47 -21.77
CA GLN A 163 9.73 2.97 -20.81
C GLN A 163 10.31 2.88 -19.40
N LEU A 164 9.42 3.00 -18.43
CA LEU A 164 9.71 2.71 -17.03
C LEU A 164 8.76 1.63 -16.58
N THR A 165 9.14 0.90 -15.54
CA THR A 165 8.16 0.03 -14.88
C THR A 165 8.38 -0.03 -13.37
N TRP A 166 7.45 -0.70 -12.69
CA TRP A 166 7.42 -0.74 -11.24
C TRP A 166 8.18 -1.95 -10.72
N THR A 167 8.93 -1.77 -9.63
CA THR A 167 9.58 -2.88 -8.94
C THR A 167 8.79 -3.30 -7.70
N ARG A 168 7.68 -2.61 -7.45
CA ARG A 168 6.82 -2.89 -6.30
C ARG A 168 5.38 -3.00 -6.79
N LEU A 169 4.53 -3.59 -5.96
CA LEU A 169 3.11 -3.75 -6.29
C LEU A 169 2.50 -2.39 -6.64
N PRO A 170 1.92 -2.26 -7.85
CA PRO A 170 1.49 -0.93 -8.32
C PRO A 170 0.06 -0.52 -7.95
N GLN A 171 -0.16 0.79 -7.88
CA GLN A 171 -1.49 1.34 -7.80
C GLN A 171 -2.23 1.06 -9.10
N GLY A 172 -3.54 0.84 -9.03
CA GLY A 172 -4.34 0.70 -10.24
C GLY A 172 -4.43 -0.74 -10.74
N PHE A 173 -3.66 -1.62 -10.13
CA PHE A 173 -3.71 -3.04 -10.45
C PHE A 173 -4.83 -3.70 -9.65
N LYS A 174 -5.67 -4.47 -10.33
CA LYS A 174 -6.90 -4.99 -9.73
C LYS A 174 -6.68 -5.87 -8.51
N ASN A 175 -5.53 -6.54 -8.44
CA ASN A 175 -5.27 -7.43 -7.32
C ASN A 175 -4.45 -6.86 -6.17
N SER A 176 -4.05 -5.60 -6.28
CA SER A 176 -3.17 -5.05 -5.26
C SER A 176 -3.76 -5.05 -3.84
N PRO A 177 -5.02 -4.62 -3.69
CA PRO A 177 -5.56 -4.60 -2.33
C PRO A 177 -5.61 -6.00 -1.72
N THR A 178 -6.05 -6.97 -2.49
CA THR A 178 -6.14 -8.34 -1.98
C THR A 178 -4.77 -8.93 -1.67
N LEU A 179 -3.82 -8.77 -2.59
CA LEU A 179 -2.48 -9.30 -2.34
C LEU A 179 -1.82 -8.61 -1.15
N PHE A 180 -2.04 -7.32 -0.98
CA PHE A 180 -1.47 -6.66 0.18
C PHE A 180 -2.09 -7.18 1.48
N ASP A 181 -3.42 -7.28 1.51
CA ASP A 181 -4.11 -7.72 2.71
C ASP A 181 -3.61 -9.11 3.11
N GLU A 182 -3.48 -9.99 2.13
CA GLU A 182 -3.02 -11.35 2.39
C GLU A 182 -1.57 -11.37 2.89
N ALA A 183 -0.73 -10.53 2.30
CA ALA A 183 0.66 -10.47 2.72
C ALA A 183 0.80 -9.98 4.17
N LEU A 184 0.06 -8.93 4.51
CA LEU A 184 0.16 -8.39 5.86
C LEU A 184 -0.40 -9.39 6.87
N HIS A 185 -1.46 -10.09 6.51
CA HIS A 185 -1.97 -11.17 7.36
C HIS A 185 -0.89 -12.22 7.67
N ARG A 186 -0.13 -12.64 6.66
CA ARG A 186 0.97 -13.57 6.89
C ARG A 186 1.99 -12.97 7.87
N ASP A 187 2.34 -11.70 7.65
CA ASP A 187 3.37 -11.07 8.48
C ASP A 187 2.93 -10.80 9.92
N LEU A 188 1.63 -10.65 10.16
CA LEU A 188 1.12 -10.34 11.50
C LEU A 188 0.53 -11.56 12.21
N ALA A 189 0.63 -12.72 11.57
CA ALA A 189 0.09 -13.95 12.15
C ALA A 189 0.68 -14.21 13.53
N ASP A 190 2.00 -14.07 13.64
CA ASP A 190 2.67 -14.34 14.92
C ASP A 190 2.27 -13.33 16.00
N PHE A 191 2.22 -12.06 15.64
CA PHE A 191 1.77 -11.04 16.58
C PHE A 191 0.43 -11.44 17.21
N ARG A 192 -0.47 -11.93 16.38
CA ARG A 192 -1.79 -12.36 16.87
C ARG A 192 -1.65 -13.47 17.90
N ILE A 193 -0.78 -14.43 17.61
CA ILE A 193 -0.52 -15.55 18.52
C ILE A 193 0.13 -15.08 19.83
N GLN A 194 1.03 -14.11 19.74
CA GLN A 194 1.71 -13.58 20.92
C GLN A 194 0.83 -12.68 21.78
N HIS A 195 -0.28 -12.23 21.23
CA HIS A 195 -1.18 -11.33 21.95
C HIS A 195 -2.64 -11.71 21.80
N PRO A 196 -3.02 -12.87 22.36
CA PRO A 196 -4.35 -13.46 22.23
C PRO A 196 -5.45 -12.61 22.84
N ASP A 197 -5.08 -11.71 23.75
CA ASP A 197 -6.05 -10.86 24.43
C ASP A 197 -6.41 -9.62 23.62
N LEU A 198 -5.63 -9.35 22.58
CA LEU A 198 -5.87 -8.17 21.74
C LEU A 198 -6.76 -8.49 20.54
N ILE A 199 -7.52 -7.49 20.10
CA ILE A 199 -8.27 -7.60 18.86
C ILE A 199 -7.55 -6.78 17.80
N LEU A 200 -7.26 -7.39 16.65
CA LEU A 200 -6.63 -6.66 15.56
C LEU A 200 -7.46 -6.80 14.28
N LEU A 201 -7.94 -5.68 13.77
CA LEU A 201 -8.69 -5.66 12.52
C LEU A 201 -7.79 -5.14 11.42
N GLN A 202 -7.77 -5.84 10.29
CA GLN A 202 -7.02 -5.40 9.12
C GLN A 202 -7.92 -5.18 7.94
N TYR A 203 -7.83 -4.00 7.35
CA TYR A 203 -8.52 -3.71 6.11
C TYR A 203 -7.52 -3.11 5.14
N VAL A 204 -6.82 -4.00 4.41
CA VAL A 204 -5.70 -3.59 3.56
C VAL A 204 -4.66 -2.81 4.38
N ASP A 205 -4.59 -1.50 4.20
CA ASP A 205 -3.60 -0.71 4.92
C ASP A 205 -4.15 0.00 6.17
N ASP A 206 -5.39 -0.29 6.52
CA ASP A 206 -6.03 0.35 7.67
C ASP A 206 -6.19 -0.62 8.83
N LEU A 207 -5.55 -0.31 9.94
CA LEU A 207 -5.47 -1.23 11.07
C LEU A 207 -6.15 -0.67 12.30
N LEU A 208 -6.83 -1.54 13.04
CA LEU A 208 -7.36 -1.18 14.35
C LEU A 208 -6.95 -2.22 15.38
N LEU A 209 -6.34 -1.76 16.47
CA LEU A 209 -6.01 -2.64 17.58
C LEU A 209 -6.92 -2.26 18.73
N ALA A 210 -7.58 -3.25 19.33
CA ALA A 210 -8.48 -3.00 20.46
C ALA A 210 -8.06 -3.79 21.68
N ALA A 211 -8.16 -3.16 22.84
CA ALA A 211 -7.79 -3.80 24.10
C ALA A 211 -8.83 -3.51 25.18
N THR A 212 -8.73 -4.22 26.30
CA THR A 212 -9.71 -4.06 27.38
C THR A 212 -9.35 -2.91 28.31
N SER A 213 -8.08 -2.55 28.36
CA SER A 213 -7.62 -1.48 29.24
C SER A 213 -6.60 -0.57 28.56
N GLU A 214 -6.54 0.68 29.01
CA GLU A 214 -5.58 1.64 28.46
C GLU A 214 -4.16 1.08 28.49
N LEU A 215 -3.84 0.35 29.57
CA LEU A 215 -2.54 -0.26 29.71
C LEU A 215 -2.28 -1.28 28.61
N ASP A 216 -3.18 -2.28 28.51
CA ASP A 216 -3.06 -3.31 27.49
C ASP A 216 -2.96 -2.71 26.09
N CYS A 217 -3.65 -1.60 25.87
CA CYS A 217 -3.63 -0.92 24.58
C CYS A 217 -2.27 -0.28 24.33
N GLN A 218 -1.73 0.42 25.32
CA GLN A 218 -0.43 1.06 25.16
C GLN A 218 0.67 0.01 24.99
N GLN A 219 0.53 -1.11 25.71
CA GLN A 219 1.49 -2.20 25.60
C GLN A 219 1.36 -2.89 24.26
N GLY A 220 0.13 -3.18 23.86
CA GLY A 220 -0.13 -3.80 22.57
C GLY A 220 0.31 -2.93 21.40
N THR A 221 0.02 -1.63 21.50
CA THR A 221 0.40 -0.67 20.47
C THR A 221 1.91 -0.59 20.32
N ARG A 222 2.62 -0.53 21.45
CA ARG A 222 4.08 -0.57 21.41
C ARG A 222 4.55 -1.80 20.64
N ALA A 223 3.98 -2.95 20.98
CA ALA A 223 4.33 -4.20 20.33
C ALA A 223 4.02 -4.19 18.83
N LEU A 224 2.85 -3.68 18.47
CA LEU A 224 2.44 -3.65 17.08
C LEU A 224 3.36 -2.75 16.26
N LEU A 225 3.68 -1.57 16.81
CA LEU A 225 4.59 -0.65 16.14
C LEU A 225 5.97 -1.27 15.93
N GLN A 226 6.51 -1.89 16.98
CA GLN A 226 7.81 -2.54 16.90
C GLN A 226 7.80 -3.61 15.83
N THR A 227 6.74 -4.43 15.83
CA THR A 227 6.60 -5.51 14.85
C THR A 227 6.51 -4.96 13.42
N LEU A 228 5.62 -4.00 13.20
CA LEU A 228 5.44 -3.42 11.87
C LEU A 228 6.75 -2.85 11.33
N GLY A 229 7.45 -2.09 12.18
CA GLY A 229 8.72 -1.50 11.77
C GLY A 229 9.74 -2.55 11.41
N ASN A 230 9.85 -3.56 12.26
CA ASN A 230 10.76 -4.68 12.05
CA ASN A 230 10.79 -4.65 12.02
C ASN A 230 10.50 -5.40 10.72
N LEU A 231 9.22 -5.52 10.37
CA LEU A 231 8.81 -6.22 9.16
C LEU A 231 9.02 -5.39 7.91
N GLY A 232 9.19 -4.09 8.09
CA GLY A 232 9.44 -3.19 6.97
C GLY A 232 8.25 -2.35 6.53
N TYR A 233 7.17 -2.36 7.31
CA TYR A 233 6.02 -1.51 7.04
C TYR A 233 6.17 -0.17 7.75
N ARG A 234 5.40 0.83 7.30
CA ARG A 234 5.51 2.17 7.87
C ARG A 234 4.14 2.78 8.05
N ALA A 235 3.87 3.27 9.27
CA ALA A 235 2.59 3.87 9.59
C ALA A 235 2.68 5.39 9.56
N SER A 236 1.58 6.06 9.26
CA SER A 236 1.53 7.51 9.29
C SER A 236 1.42 8.04 10.73
N ALA A 237 2.45 8.72 11.20
CA ALA A 237 2.43 9.32 12.53
C ALA A 237 1.44 10.47 12.59
N LYS A 238 1.34 11.20 11.49
CA LYS A 238 0.42 12.34 11.38
C LYS A 238 -1.01 11.92 11.71
N LYS A 239 -1.42 10.76 11.22
CA LYS A 239 -2.82 10.34 11.30
C LYS A 239 -3.09 9.34 12.42
N ALA A 240 -2.02 8.84 13.04
CA ALA A 240 -2.16 7.83 14.08
C ALA A 240 -3.09 8.24 15.23
N GLN A 241 -4.05 7.38 15.55
CA GLN A 241 -4.89 7.57 16.72
C GLN A 241 -4.51 6.54 17.78
N ILE A 242 -3.80 6.99 18.81
CA ILE A 242 -3.18 6.07 19.75
C ILE A 242 -3.86 6.03 21.11
N CYS A 243 -4.27 4.83 21.52
CA CYS A 243 -4.88 4.58 22.82
C CYS A 243 -5.98 5.58 23.15
N GLN A 244 -7.03 5.58 22.33
CA GLN A 244 -8.14 6.49 22.51
C GLN A 244 -9.42 5.72 22.79
N LYS A 245 -10.32 6.33 23.57
CA LYS A 245 -11.60 5.72 23.86
C LYS A 245 -12.53 5.90 22.66
N GLN A 246 -12.16 6.85 21.79
CA GLN A 246 -12.94 7.13 20.60
C GLN A 246 -12.00 7.33 19.41
N VAL A 247 -12.29 6.65 18.30
CA VAL A 247 -11.47 6.78 17.10
C VAL A 247 -12.33 6.71 15.83
N LYS A 248 -11.79 7.23 14.74
CA LYS A 248 -12.39 7.06 13.43
C LYS A 248 -11.72 5.88 12.71
N TYR A 249 -12.52 4.94 12.23
CA TYR A 249 -11.98 3.78 11.51
C TYR A 249 -12.91 3.37 10.37
N LEU A 250 -12.37 3.36 9.15
CA LEU A 250 -13.12 2.97 7.96
C LEU A 250 -14.41 3.76 7.79
N GLY A 251 -14.34 5.06 8.06
CA GLY A 251 -15.50 5.92 7.91
C GLY A 251 -16.49 5.83 9.05
N TYR A 252 -16.18 5.00 10.04
CA TYR A 252 -17.01 4.90 11.23
C TYR A 252 -16.42 5.71 12.36
N LEU A 253 -17.27 6.22 13.24
CA LEU A 253 -16.80 6.74 14.51
C LEU A 253 -17.03 5.66 15.55
N LEU A 254 -15.94 5.12 16.10
CA LEU A 254 -16.02 4.11 17.13
C LEU A 254 -16.02 4.76 18.51
N LYS A 255 -17.08 4.53 19.26
CA LYS A 255 -17.26 5.21 20.54
C LYS A 255 -18.30 4.49 21.39
N GLU A 256 -17.95 4.25 22.66
CA GLU A 256 -18.85 3.57 23.58
C GLU A 256 -19.26 2.19 23.06
N GLY A 257 -18.36 1.57 22.29
CA GLY A 257 -18.64 0.27 21.71
C GLY A 257 -19.71 0.34 20.64
N GLN A 258 -20.05 1.56 20.21
CA GLN A 258 -21.07 1.75 19.21
C GLN A 258 -20.52 1.88 17.80
N ARG A 259 -21.20 1.24 16.86
CA ARG A 259 -20.82 1.20 15.45
C ARG A 259 -19.81 0.09 15.12
#